data_8KE6
#
_entry.id   8KE6
#
_cell.length_a   105.162
_cell.length_b   105.162
_cell.length_c   72.446
_cell.angle_alpha   90.000
_cell.angle_beta   90.000
_cell.angle_gamma   120.000
#
_symmetry.space_group_name_H-M   'P 64'
#
loop_
_entity.id
_entity.type
_entity.pdbx_description
1 polymer 'Pyrrolysine--tRNA ligase'
2 non-polymer 'PHOSPHOAMINOPHOSPHONIC ACID-ADENYLATE ESTER'
3 non-polymer 'MAGNESIUM ION'
4 non-polymer 3-CHLORO-L-PHENYLALANINE
5 water water
#
_entity_poly.entity_id   1
_entity_poly.type   'polypeptide(L)'
_entity_poly.pdbx_seq_one_letter_code
;MHHHHHHASAPALTKSQTDRLEVLLNPKDEISLNSGKPFRELESELLSRRKKDLQQIYAEERENYLGKLEREITRFFVDR
GFLEIKSPILIPLEYIERMGIDNDTELSKQIFRVDKNFCLRPMLAPNLYNYLRKLDRALPDPIKIFEIGPCYRKESDGKE
HLEEFTMLGFQQMGSGCTRENLESIITDFLNHLGIDFKIVGDSCMVYGDTLDVMHGDLELSSAGVGPIPLDREWGIDKPW
IGAGFGLERLLKVKHDFKNIKRAARSESYYNGISTNL
;
_entity_poly.pdbx_strand_id   A
#
# COMPACT_ATOMS: atom_id res chain seq x y z
N ALA A 12 -30.82 -0.41 25.53
CA ALA A 12 -29.42 -0.62 25.13
C ALA A 12 -29.33 -1.05 23.66
N LEU A 13 -28.26 -0.63 22.97
CA LEU A 13 -28.08 -1.01 21.57
C LEU A 13 -27.70 -2.47 21.44
N THR A 14 -28.27 -3.14 20.44
CA THR A 14 -27.79 -4.49 20.13
C THR A 14 -26.40 -4.41 19.49
N LYS A 15 -25.70 -5.54 19.51
CA LYS A 15 -24.41 -5.61 18.82
C LYS A 15 -24.57 -5.34 17.33
N SER A 16 -25.65 -5.84 16.73
CA SER A 16 -25.92 -5.56 15.32
C SER A 16 -26.13 -4.08 15.07
N GLN A 17 -26.85 -3.41 15.98
CA GLN A 17 -27.05 -1.98 15.84
C GLN A 17 -25.74 -1.21 15.98
N THR A 18 -24.90 -1.61 16.94
CA THR A 18 -23.61 -0.92 17.08
C THR A 18 -22.72 -1.15 15.86
N ASP A 19 -22.76 -2.37 15.30
CA ASP A 19 -22.05 -2.64 14.03
C ASP A 19 -22.49 -1.67 12.94
N ARG A 20 -23.81 -1.47 12.81
CA ARG A 20 -24.35 -0.55 11.82
C ARG A 20 -23.86 0.87 12.09
N LEU A 21 -23.90 1.32 13.34
CA LEU A 21 -23.42 2.65 13.67
C LEU A 21 -21.91 2.78 13.41
N GLU A 22 -21.16 1.71 13.65
CA GLU A 22 -19.72 1.77 13.44
C GLU A 22 -19.36 1.96 11.97
N VAL A 23 -20.16 1.42 11.05
CA VAL A 23 -19.83 1.66 9.64
C VAL A 23 -20.06 3.12 9.28
N LEU A 24 -21.00 3.81 9.95
CA LEU A 24 -21.28 5.22 9.68
C LEU A 24 -20.38 6.15 10.47
N LEU A 25 -19.64 5.64 11.45
CA LEU A 25 -18.80 6.48 12.29
C LEU A 25 -17.48 6.79 11.58
N ASN A 26 -17.10 8.05 11.58
CA ASN A 26 -15.79 8.41 11.06
C ASN A 26 -14.87 8.78 12.21
N PRO A 27 -13.55 8.61 12.04
CA PRO A 27 -12.63 8.88 13.16
C PRO A 27 -12.78 10.27 13.76
N LYS A 28 -13.12 11.27 12.95
CA LYS A 28 -13.16 12.66 13.41
C LYS A 28 -14.43 12.96 14.18
N ASP A 29 -15.43 12.07 14.11
CA ASP A 29 -16.64 12.21 14.89
C ASP A 29 -16.31 12.17 16.38
N GLU A 30 -17.19 12.78 17.16
CA GLU A 30 -17.10 12.79 18.63
C GLU A 30 -18.49 12.50 19.18
N ILE A 31 -18.99 11.29 18.95
CA ILE A 31 -20.29 10.87 19.43
C ILE A 31 -20.13 9.67 20.34
N SER A 32 -20.84 9.66 21.46
CA SER A 32 -20.88 8.53 22.37
C SER A 32 -22.00 7.60 21.94
N LEU A 33 -21.63 6.44 21.38
CA LEU A 33 -22.65 5.45 21.01
C LEU A 33 -23.30 4.83 22.25
N ASN A 34 -22.55 4.73 23.36
CA ASN A 34 -23.03 4.03 24.53
C ASN A 34 -23.93 4.89 25.40
N SER A 35 -24.14 6.15 25.05
CA SER A 35 -25.07 7.01 25.78
C SER A 35 -26.51 6.57 25.54
N GLY A 36 -27.42 7.29 26.19
CA GLY A 36 -28.79 6.82 26.26
C GLY A 36 -29.57 6.95 24.96
N LYS A 37 -29.05 7.67 23.97
CA LYS A 37 -29.84 8.01 22.81
C LYS A 37 -30.24 6.74 22.03
N PRO A 38 -31.46 6.67 21.49
CA PRO A 38 -31.89 5.45 20.80
C PRO A 38 -31.16 5.27 19.48
N PHE A 39 -31.17 4.02 19.00
CA PHE A 39 -30.48 3.67 17.75
C PHE A 39 -30.96 4.52 16.58
N ARG A 40 -32.28 4.63 16.39
CA ARG A 40 -32.80 5.35 15.22
C ARG A 40 -32.30 6.79 15.18
N GLU A 41 -32.12 7.40 16.36
CA GLU A 41 -31.68 8.79 16.40
C GLU A 41 -30.18 8.88 16.14
N LEU A 42 -29.40 7.98 16.73
CA LEU A 42 -27.98 7.93 16.43
C LEU A 42 -27.74 7.64 14.95
N GLU A 43 -28.54 6.74 14.37
CA GLU A 43 -28.36 6.40 12.97
C GLU A 43 -28.73 7.58 12.06
N SER A 44 -29.81 8.28 12.38
CA SER A 44 -30.20 9.41 11.53
C SER A 44 -29.17 10.54 11.62
N GLU A 45 -28.56 10.74 12.79
CA GLU A 45 -27.55 11.76 12.92
C GLU A 45 -26.32 11.43 12.08
N LEU A 46 -25.84 10.19 12.17
CA LEU A 46 -24.66 9.78 11.43
C LEU A 46 -24.92 9.76 9.93
N LEU A 47 -26.10 9.31 9.51
CA LEU A 47 -26.43 9.37 8.08
C LEU A 47 -26.36 10.80 7.56
N SER A 48 -26.87 11.76 8.34
CA SER A 48 -26.86 13.16 7.91
CA SER A 48 -26.85 13.15 7.91
C SER A 48 -25.42 13.67 7.75
N ARG A 49 -24.54 13.35 8.69
CA ARG A 49 -23.16 13.81 8.59
C ARG A 49 -22.44 13.18 7.42
N ARG A 50 -22.63 11.88 7.19
CA ARG A 50 -21.91 11.22 6.10
C ARG A 50 -22.42 11.70 4.74
N LYS A 51 -23.72 11.97 4.62
CA LYS A 51 -24.21 12.56 3.38
C LYS A 51 -23.59 13.94 3.17
N LYS A 52 -23.47 14.74 4.23
CA LYS A 52 -22.83 16.04 4.13
C LYS A 52 -21.37 15.90 3.73
N ASP A 53 -20.68 14.90 4.31
CA ASP A 53 -19.28 14.65 3.95
C ASP A 53 -19.15 14.39 2.45
N LEU A 54 -20.00 13.51 1.91
CA LEU A 54 -19.94 13.23 0.48
C LEU A 54 -20.29 14.45 -0.36
N GLN A 55 -21.32 15.20 0.05
CA GLN A 55 -21.67 16.41 -0.68
C GLN A 55 -20.50 17.40 -0.72
N GLN A 56 -19.74 17.50 0.37
CA GLN A 56 -18.63 18.44 0.40
C GLN A 56 -17.52 18.01 -0.56
N ILE A 57 -17.18 16.71 -0.55
CA ILE A 57 -16.19 16.20 -1.50
C ILE A 57 -16.65 16.50 -2.94
N TYR A 58 -17.91 16.21 -3.24
CA TYR A 58 -18.44 16.41 -4.59
C TYR A 58 -18.40 17.88 -4.99
N ALA A 59 -18.64 18.78 -4.03
CA ALA A 59 -18.71 20.20 -4.37
C ALA A 59 -17.32 20.80 -4.59
N GLU A 60 -16.29 20.22 -3.97
CA GLU A 60 -15.00 20.87 -3.90
C GLU A 60 -13.96 20.02 -4.63
N GLU A 61 -13.26 19.11 -3.96
CA GLU A 61 -12.06 18.54 -4.55
C GLU A 61 -12.37 17.41 -5.55
N ARG A 62 -13.29 16.50 -5.20
CA ARG A 62 -13.74 15.42 -6.07
C ARG A 62 -12.67 14.37 -6.37
N GLU A 63 -11.59 14.32 -5.59
CA GLU A 63 -10.52 13.35 -5.84
C GLU A 63 -10.61 12.18 -4.87
N ASN A 64 -10.34 11.00 -5.38
CA ASN A 64 -10.31 9.77 -4.57
C ASN A 64 -9.00 9.68 -3.80
N TYR A 65 -9.07 9.28 -2.52
CA TYR A 65 -7.88 9.24 -1.67
C TYR A 65 -6.78 8.37 -2.26
N LEU A 66 -7.16 7.21 -2.82
CA LEU A 66 -6.15 6.30 -3.35
C LEU A 66 -5.53 6.84 -4.63
N GLY A 67 -6.34 7.44 -5.51
CA GLY A 67 -5.76 8.06 -6.70
C GLY A 67 -4.88 9.24 -6.35
N LYS A 68 -5.35 10.08 -5.44
CA LYS A 68 -4.60 11.27 -5.05
C LYS A 68 -3.29 10.88 -4.38
N LEU A 69 -3.30 9.87 -3.51
CA LEU A 69 -2.06 9.44 -2.88
C LEU A 69 -1.07 8.93 -3.92
N GLU A 70 -1.55 8.12 -4.88
CA GLU A 70 -0.67 7.65 -5.93
C GLU A 70 -0.05 8.82 -6.70
N ARG A 71 -0.84 9.85 -7.00
CA ARG A 71 -0.30 11.00 -7.72
C ARG A 71 0.73 11.77 -6.90
N GLU A 72 0.48 11.92 -5.59
CA GLU A 72 1.43 12.61 -4.72
C GLU A 72 2.73 11.82 -4.58
N ILE A 73 2.65 10.50 -4.39
CA ILE A 73 3.87 9.69 -4.32
C ILE A 73 4.62 9.73 -5.63
N THR A 74 3.89 9.70 -6.76
CA THR A 74 4.53 9.76 -8.07
C THR A 74 5.34 11.03 -8.21
N ARG A 75 4.78 12.17 -7.79
CA ARG A 75 5.50 13.43 -7.91
C ARG A 75 6.75 13.42 -7.04
N PHE A 76 6.66 12.86 -5.83
CA PHE A 76 7.82 12.78 -4.94
C PHE A 76 8.96 12.01 -5.59
N PHE A 77 8.68 10.83 -6.14
CA PHE A 77 9.76 10.00 -6.66
C PHE A 77 10.26 10.50 -8.00
N VAL A 78 9.37 11.00 -8.86
CA VAL A 78 9.83 11.61 -10.10
C VAL A 78 10.77 12.77 -9.81
N ASP A 79 10.42 13.61 -8.83
CA ASP A 79 11.22 14.77 -8.49
C ASP A 79 12.57 14.37 -7.88
N ARG A 80 12.67 13.19 -7.30
CA ARG A 80 13.91 12.70 -6.74
C ARG A 80 14.73 11.91 -7.74
N GLY A 81 14.31 11.88 -9.00
CA GLY A 81 15.11 11.27 -10.06
C GLY A 81 14.79 9.83 -10.38
N PHE A 82 13.65 9.31 -9.92
CA PHE A 82 13.24 7.93 -10.18
C PHE A 82 12.30 7.88 -11.40
N LEU A 83 12.55 6.92 -12.29
CA LEU A 83 11.74 6.73 -13.49
C LEU A 83 10.44 6.02 -13.15
N GLU A 84 9.30 6.54 -13.63
CA GLU A 84 7.99 5.97 -13.35
C GLU A 84 7.72 4.77 -14.27
N ILE A 85 7.47 3.61 -13.68
CA ILE A 85 7.24 2.36 -14.40
C ILE A 85 5.76 1.99 -14.28
N LYS A 86 5.20 1.44 -15.35
CA LYS A 86 3.87 0.82 -15.33
C LYS A 86 4.02 -0.54 -16.01
N SER A 87 4.04 -1.60 -15.22
CA SER A 87 4.33 -2.92 -15.75
C SER A 87 3.13 -3.83 -15.56
N PRO A 88 3.12 -5.04 -16.15
CA PRO A 88 1.91 -5.87 -16.11
C PRO A 88 1.52 -6.27 -14.70
N ILE A 89 0.20 -6.32 -14.48
CA ILE A 89 -0.35 -6.82 -13.22
C ILE A 89 -0.54 -8.33 -13.30
N LEU A 90 -0.98 -8.82 -14.46
CA LEU A 90 -1.07 -10.24 -14.75
C LEU A 90 0.30 -10.71 -15.23
N ILE A 91 0.97 -11.56 -14.46
CA ILE A 91 2.37 -11.88 -14.72
C ILE A 91 2.53 -13.38 -14.87
N PRO A 92 3.60 -13.82 -15.54
CA PRO A 92 3.85 -15.27 -15.66
C PRO A 92 4.02 -15.91 -14.29
N LEU A 93 3.42 -17.09 -14.14
CA LEU A 93 3.55 -17.81 -12.88
C LEU A 93 5.01 -18.17 -12.59
N GLU A 94 5.83 -18.35 -13.64
CA GLU A 94 7.24 -18.69 -13.43
C GLU A 94 7.96 -17.61 -12.63
N TYR A 95 7.48 -16.36 -12.67
CA TYR A 95 8.14 -15.30 -11.89
C TYR A 95 8.09 -15.57 -10.40
N ILE A 96 7.03 -16.22 -9.92
CA ILE A 96 6.91 -16.48 -8.49
C ILE A 96 7.98 -17.46 -8.02
N GLU A 97 8.11 -18.58 -8.73
CA GLU A 97 9.16 -19.54 -8.40
C GLU A 97 10.54 -18.91 -8.51
N ARG A 98 10.77 -18.14 -9.57
CA ARG A 98 12.08 -17.52 -9.76
C ARG A 98 12.40 -16.50 -8.67
N MET A 99 11.41 -16.05 -7.93
CA MET A 99 11.64 -15.20 -6.77
C MET A 99 12.03 -15.99 -5.53
N GLY A 100 12.17 -17.31 -5.66
CA GLY A 100 12.46 -18.13 -4.49
C GLY A 100 11.25 -18.40 -3.65
N ILE A 101 10.05 -18.27 -4.19
CA ILE A 101 8.82 -18.53 -3.45
C ILE A 101 8.43 -19.98 -3.77
N ASP A 102 8.85 -20.89 -2.89
CA ASP A 102 8.55 -22.31 -2.96
C ASP A 102 7.53 -22.67 -1.89
N ASN A 103 7.29 -23.97 -1.73
CA ASN A 103 6.21 -24.43 -0.84
C ASN A 103 6.45 -24.02 0.60
N ASP A 104 7.72 -23.85 1.01
CA ASP A 104 8.01 -23.54 2.41
C ASP A 104 7.51 -22.16 2.80
N THR A 105 7.52 -21.22 1.85
CA THR A 105 7.17 -19.84 2.17
C THR A 105 5.65 -19.68 2.31
N GLU A 106 5.26 -18.65 3.07
CA GLU A 106 3.85 -18.32 3.20
C GLU A 106 3.26 -17.87 1.87
N LEU A 107 3.99 -17.01 1.15
CA LEU A 107 3.45 -16.38 -0.06
C LEU A 107 3.03 -17.40 -1.12
N SER A 108 3.62 -18.61 -1.12
CA SER A 108 3.28 -19.60 -2.14
C SER A 108 1.81 -19.98 -2.10
N LYS A 109 1.18 -19.97 -0.92
CA LYS A 109 -0.22 -20.30 -0.78
C LYS A 109 -1.14 -19.11 -0.98
N GLN A 110 -0.59 -17.91 -1.16
CA GLN A 110 -1.37 -16.68 -1.25
C GLN A 110 -1.61 -16.21 -2.68
N ILE A 111 -1.25 -17.01 -3.68
CA ILE A 111 -1.25 -16.56 -5.07
C ILE A 111 -2.63 -16.73 -5.68
N PHE A 112 -3.13 -15.69 -6.35
CA PHE A 112 -4.32 -15.81 -7.21
C PHE A 112 -3.86 -16.29 -8.58
N ARG A 113 -4.11 -17.55 -8.90
CA ARG A 113 -3.73 -18.06 -10.21
C ARG A 113 -4.76 -17.70 -11.25
N VAL A 114 -4.30 -17.46 -12.48
CA VAL A 114 -5.15 -17.16 -13.62
C VAL A 114 -4.72 -18.07 -14.77
N ASP A 115 -5.67 -18.79 -15.35
CA ASP A 115 -5.36 -19.74 -16.43
C ASP A 115 -4.32 -20.75 -15.92
N LYS A 116 -3.50 -21.27 -16.82
CA LYS A 116 -2.55 -22.31 -16.47
C LYS A 116 -1.18 -21.75 -16.08
N ASN A 117 -0.77 -20.63 -16.68
CA ASN A 117 0.59 -20.15 -16.53
C ASN A 117 0.68 -18.70 -16.05
N PHE A 118 -0.41 -18.10 -15.57
CA PHE A 118 -0.36 -16.72 -15.13
C PHE A 118 -0.91 -16.59 -13.71
N CYS A 119 -0.63 -15.45 -13.09
CA CYS A 119 -1.15 -15.11 -11.78
C CYS A 119 -1.28 -13.59 -11.67
N LEU A 120 -2.11 -13.15 -10.74
CA LEU A 120 -2.09 -11.76 -10.35
C LEU A 120 -0.86 -11.53 -9.48
N ARG A 121 -0.07 -10.50 -9.80
CA ARG A 121 1.19 -10.31 -9.09
C ARG A 121 0.93 -10.05 -7.61
N PRO A 122 1.62 -10.74 -6.72
CA PRO A 122 1.55 -10.41 -5.29
C PRO A 122 2.59 -9.40 -4.85
N MET A 123 3.46 -8.98 -5.77
CA MET A 123 4.62 -8.18 -5.43
C MET A 123 5.10 -7.52 -6.71
N LEU A 124 5.93 -6.49 -6.55
CA LEU A 124 6.50 -5.76 -7.68
C LEU A 124 7.92 -6.18 -8.02
N ALA A 125 8.59 -6.89 -7.12
CA ALA A 125 10.01 -7.22 -7.29
C ALA A 125 10.34 -7.84 -8.65
N PRO A 126 9.59 -8.82 -9.17
CA PRO A 126 10.00 -9.43 -10.46
C PRO A 126 10.06 -8.43 -11.60
N ASN A 127 9.03 -7.60 -11.77
CA ASN A 127 9.01 -6.60 -12.83
C ASN A 127 10.07 -5.53 -12.59
N LEU A 128 10.33 -5.16 -11.34
CA LEU A 128 11.38 -4.17 -11.08
C LEU A 128 12.76 -4.73 -11.42
N TYR A 129 13.01 -5.98 -11.05
CA TYR A 129 14.26 -6.65 -11.45
C TYR A 129 14.43 -6.63 -12.95
N ASN A 130 13.37 -6.98 -13.70
CA ASN A 130 13.47 -7.04 -15.16
C ASN A 130 13.76 -5.67 -15.74
N TYR A 131 13.13 -4.62 -15.18
CA TYR A 131 13.39 -3.27 -15.66
C TYR A 131 14.81 -2.82 -15.33
N LEU A 132 15.31 -3.14 -14.12
CA LEU A 132 16.68 -2.74 -13.79
C LEU A 132 17.67 -3.37 -14.77
N ARG A 133 17.50 -4.66 -15.07
CA ARG A 133 18.41 -5.35 -15.97
C ARG A 133 18.38 -4.73 -17.37
N LYS A 134 17.19 -4.51 -17.91
CA LYS A 134 17.09 -3.93 -19.25
C LYS A 134 17.60 -2.50 -19.30
N LEU A 135 17.21 -1.66 -18.33
CA LEU A 135 17.59 -0.26 -18.37
C LEU A 135 19.09 -0.05 -18.14
N ASP A 136 19.75 -1.03 -17.51
CA ASP A 136 21.20 -0.91 -17.30
C ASP A 136 21.96 -0.86 -18.61
N ARG A 137 21.36 -1.34 -19.71
CA ARG A 137 21.98 -1.24 -21.01
C ARG A 137 21.83 0.15 -21.62
N ALA A 138 21.05 1.05 -21.02
CA ALA A 138 20.76 2.33 -21.67
C ALA A 138 20.98 3.55 -20.78
N LEU A 139 20.82 3.39 -19.48
CA LEU A 139 20.78 4.57 -18.64
C LEU A 139 22.07 4.73 -17.84
N PRO A 140 22.46 5.95 -17.52
CA PRO A 140 23.66 6.14 -16.69
C PRO A 140 23.45 5.71 -15.24
N ASP A 141 24.55 5.27 -14.64
CA ASP A 141 24.56 4.88 -13.24
C ASP A 141 24.40 6.11 -12.35
N PRO A 142 23.57 6.03 -11.29
CA PRO A 142 22.77 4.89 -10.88
C PRO A 142 21.37 4.91 -11.53
N ILE A 143 20.75 3.74 -11.55
CA ILE A 143 19.44 3.54 -12.15
C ILE A 143 18.40 3.58 -11.03
N LYS A 144 17.43 4.48 -11.16
CA LYS A 144 16.43 4.70 -10.11
C LYS A 144 15.05 4.56 -10.73
N ILE A 145 14.25 3.62 -10.23
CA ILE A 145 12.93 3.35 -10.81
C ILE A 145 11.92 3.15 -9.69
N PHE A 146 10.64 3.36 -10.01
CA PHE A 146 9.59 3.06 -9.05
C PHE A 146 8.32 2.70 -9.80
N GLU A 147 7.43 1.97 -9.11
CA GLU A 147 6.14 1.64 -9.67
C GLU A 147 5.11 1.70 -8.55
N ILE A 148 3.89 2.09 -8.90
CA ILE A 148 2.74 2.06 -8.01
C ILE A 148 1.62 1.35 -8.75
N GLY A 149 1.02 0.35 -8.12
CA GLY A 149 -0.12 -0.29 -8.73
C GLY A 149 -0.66 -1.47 -7.96
N PRO A 150 -1.74 -2.06 -8.49
CA PRO A 150 -2.42 -3.17 -7.81
C PRO A 150 -1.51 -4.38 -7.59
N CYS A 151 -1.66 -5.00 -6.41
CA CYS A 151 -1.08 -6.30 -6.08
C CYS A 151 -2.14 -7.10 -5.36
N TYR A 152 -1.99 -8.43 -5.37
CA TYR A 152 -3.04 -9.36 -4.94
C TYR A 152 -2.47 -10.50 -4.11
N ARG A 153 -3.06 -10.75 -2.93
CA ARG A 153 -2.66 -11.86 -2.09
C ARG A 153 -3.89 -12.42 -1.39
N LYS A 154 -3.97 -13.74 -1.30
CA LYS A 154 -4.98 -14.35 -0.43
C LYS A 154 -4.56 -14.17 1.02
N GLU A 155 -5.47 -13.68 1.86
CA GLU A 155 -5.18 -13.34 3.24
C GLU A 155 -6.32 -13.82 4.13
N SER A 156 -5.99 -14.15 5.39
CA SER A 156 -7.02 -14.29 6.40
C SER A 156 -7.66 -12.94 6.69
N ASP A 157 -8.91 -12.97 7.15
CA ASP A 157 -9.57 -11.74 7.56
C ASP A 157 -8.74 -11.06 8.64
N GLY A 158 -8.57 -9.75 8.50
CA GLY A 158 -7.78 -8.99 9.44
C GLY A 158 -7.88 -7.51 9.14
N LYS A 159 -7.76 -6.68 10.17
CA LYS A 159 -7.96 -5.25 9.99
C LYS A 159 -6.81 -4.57 9.26
N GLU A 160 -5.69 -5.27 9.00
CA GLU A 160 -4.54 -4.66 8.34
C GLU A 160 -4.27 -5.21 6.95
N HIS A 161 -5.09 -6.15 6.45
CA HIS A 161 -4.80 -6.82 5.19
C HIS A 161 -5.99 -6.72 4.25
N LEU A 162 -5.70 -6.50 2.97
CA LEU A 162 -6.68 -6.59 1.90
C LEU A 162 -6.24 -7.67 0.92
N GLU A 163 -7.18 -8.28 0.20
CA GLU A 163 -6.74 -9.21 -0.82
C GLU A 163 -6.35 -8.47 -2.08
N GLU A 164 -6.94 -7.29 -2.31
CA GLU A 164 -6.62 -6.41 -3.42
C GLU A 164 -6.08 -5.11 -2.83
N PHE A 165 -4.79 -4.86 -3.01
CA PHE A 165 -4.19 -3.65 -2.44
C PHE A 165 -3.30 -2.98 -3.49
N THR A 166 -2.61 -1.93 -3.08
CA THR A 166 -1.83 -1.08 -3.98
C THR A 166 -0.46 -0.94 -3.35
N MET A 167 0.58 -1.23 -4.13
N MET A 167 0.57 -1.21 -4.14
CA MET A 167 1.95 -1.25 -3.65
CA MET A 167 1.93 -1.21 -3.66
C MET A 167 2.76 -0.17 -4.34
C MET A 167 2.73 -0.13 -4.36
N LEU A 168 3.58 0.54 -3.57
CA LEU A 168 4.66 1.38 -4.08
C LEU A 168 5.94 0.55 -3.94
N GLY A 169 6.69 0.40 -5.03
CA GLY A 169 8.00 -0.20 -4.92
C GLY A 169 9.03 0.67 -5.60
N PHE A 170 10.16 0.95 -4.94
CA PHE A 170 11.21 1.70 -5.59
C PHE A 170 12.53 0.95 -5.45
N GLN A 171 13.43 1.18 -6.40
CA GLN A 171 14.71 0.48 -6.38
C GLN A 171 15.75 1.34 -7.08
N GLN A 172 16.92 1.41 -6.47
CA GLN A 172 18.08 2.08 -7.05
C GLN A 172 19.18 1.03 -7.20
N MET A 173 19.90 1.08 -8.32
CA MET A 173 20.94 0.09 -8.60
C MET A 173 22.19 0.78 -9.11
N GLY A 174 23.34 0.39 -8.55
CA GLY A 174 24.62 0.97 -8.94
C GLY A 174 25.29 1.69 -7.79
N SER A 175 25.73 2.92 -8.03
CA SER A 175 26.42 3.66 -7.00
C SER A 175 25.40 4.23 -5.99
N GLY A 176 25.92 4.57 -4.80
CA GLY A 176 25.10 5.19 -3.80
C GLY A 176 24.09 4.29 -3.14
N CYS A 177 24.25 2.97 -3.27
CA CYS A 177 23.28 2.03 -2.71
C CYS A 177 23.69 1.62 -1.30
N THR A 178 23.62 2.59 -0.40
CA THR A 178 23.95 2.37 1.00
C THR A 178 22.70 2.35 1.86
N ARG A 179 22.84 1.73 3.03
CA ARG A 179 21.74 1.74 3.99
C ARG A 179 21.39 3.17 4.40
N GLU A 180 22.40 4.01 4.60
CA GLU A 180 22.14 5.42 4.93
C GLU A 180 21.29 6.08 3.86
N ASN A 181 21.64 5.88 2.59
CA ASN A 181 20.87 6.51 1.52
C ASN A 181 19.45 5.95 1.48
N LEU A 182 19.31 4.64 1.70
CA LEU A 182 17.99 4.04 1.76
C LEU A 182 17.16 4.62 2.90
N GLU A 183 17.76 4.75 4.09
CA GLU A 183 17.01 5.32 5.20
C GLU A 183 16.68 6.79 4.97
N SER A 184 17.52 7.51 4.23
CA SER A 184 17.21 8.90 3.91
C SER A 184 16.00 9.00 2.98
N ILE A 185 15.90 8.12 1.99
CA ILE A 185 14.74 8.15 1.09
C ILE A 185 13.46 7.90 1.87
N ILE A 186 13.46 6.85 2.68
CA ILE A 186 12.29 6.50 3.49
C ILE A 186 11.93 7.66 4.40
N THR A 187 12.93 8.24 5.05
CA THR A 187 12.66 9.29 6.03
C THR A 187 12.10 10.54 5.35
N ASP A 188 12.73 10.99 4.26
CA ASP A 188 12.19 12.14 3.53
C ASP A 188 10.79 11.86 3.03
N PHE A 189 10.56 10.63 2.56
CA PHE A 189 9.27 10.26 1.98
C PHE A 189 8.15 10.35 3.01
N LEU A 190 8.35 9.71 4.16
CA LEU A 190 7.27 9.67 5.15
C LEU A 190 7.11 11.01 5.86
N ASN A 191 8.19 11.79 6.02
CA ASN A 191 8.04 13.13 6.56
C ASN A 191 7.33 14.05 5.58
N HIS A 192 7.55 13.83 4.28
CA HIS A 192 6.79 14.55 3.25
C HIS A 192 5.30 14.24 3.35
N LEU A 193 4.95 12.96 3.54
CA LEU A 193 3.54 12.56 3.65
C LEU A 193 2.92 12.91 5.00
N GLY A 194 3.74 13.15 6.02
CA GLY A 194 3.23 13.39 7.35
C GLY A 194 2.81 12.14 8.09
N ILE A 195 3.60 11.08 7.99
CA ILE A 195 3.29 9.78 8.58
C ILE A 195 4.40 9.41 9.54
N ASP A 196 4.03 9.20 10.81
CA ASP A 196 5.00 8.82 11.84
C ASP A 196 5.50 7.40 11.59
N PHE A 197 6.76 7.15 11.94
CA PHE A 197 7.34 5.86 11.63
C PHE A 197 8.56 5.61 12.50
N LYS A 198 8.96 4.34 12.57
CA LYS A 198 10.25 3.93 13.09
C LYS A 198 10.85 2.89 12.16
N ILE A 199 12.14 3.03 11.86
CA ILE A 199 12.85 2.05 11.07
C ILE A 199 13.50 1.05 12.01
N VAL A 200 13.21 -0.23 11.82
CA VAL A 200 13.76 -1.29 12.67
C VAL A 200 14.54 -2.28 11.82
N GLY A 201 15.70 -2.68 12.32
CA GLY A 201 16.51 -3.67 11.66
C GLY A 201 17.29 -4.54 12.64
N GLY A 208 22.71 -9.67 2.54
CA GLY A 208 22.15 -8.32 2.47
C GLY A 208 21.43 -7.93 3.73
N ASP A 209 21.29 -6.63 3.97
CA ASP A 209 20.59 -6.16 5.16
C ASP A 209 19.10 -6.00 4.85
N THR A 210 18.27 -6.28 5.87
CA THR A 210 16.83 -6.12 5.78
C THR A 210 16.34 -5.22 6.91
N LEU A 211 15.19 -4.60 6.67
CA LEU A 211 14.82 -3.36 7.31
C LEU A 211 13.31 -3.24 7.18
N ASP A 212 12.61 -2.98 8.29
CA ASP A 212 11.17 -2.79 8.25
C ASP A 212 10.84 -1.39 8.74
N VAL A 213 9.80 -0.80 8.17
CA VAL A 213 9.33 0.53 8.53
C VAL A 213 8.00 0.33 9.24
N MET A 214 7.95 0.68 10.52
CA MET A 214 6.82 0.39 11.38
C MET A 214 6.09 1.67 11.79
N HIS A 215 4.77 1.55 11.91
CA HIS A 215 3.95 2.54 12.61
C HIS A 215 3.31 1.78 13.77
N GLY A 216 3.87 1.93 14.97
CA GLY A 216 3.46 1.05 16.06
C GLY A 216 3.73 -0.38 15.65
N ASP A 217 2.71 -1.25 15.77
CA ASP A 217 2.87 -2.65 15.38
C ASP A 217 2.51 -2.91 13.92
N LEU A 218 2.18 -1.87 13.16
CA LEU A 218 1.80 -2.02 11.75
C LEU A 218 3.01 -1.84 10.85
N GLU A 219 3.27 -2.83 10.00
CA GLU A 219 4.34 -2.72 9.02
C GLU A 219 3.89 -1.85 7.84
N LEU A 220 4.56 -0.71 7.66
CA LEU A 220 4.31 0.11 6.47
C LEU A 220 5.12 -0.37 5.28
N SER A 221 6.31 -0.91 5.53
CA SER A 221 7.21 -1.25 4.44
C SER A 221 8.19 -2.31 4.91
N SER A 222 8.64 -3.14 3.97
CA SER A 222 9.91 -3.84 4.11
C SER A 222 10.89 -3.29 3.08
N ALA A 223 12.15 -3.13 3.48
CA ALA A 223 13.17 -2.57 2.61
C ALA A 223 14.36 -3.52 2.57
N GLY A 224 15.17 -3.40 1.52
CA GLY A 224 16.30 -4.28 1.35
C GLY A 224 17.50 -3.58 0.75
N VAL A 225 18.67 -4.18 1.03
CA VAL A 225 19.95 -3.73 0.49
C VAL A 225 20.61 -4.91 -0.20
N GLY A 226 20.96 -4.75 -1.47
CA GLY A 226 21.62 -5.79 -2.21
C GLY A 226 23.10 -5.49 -2.33
N PRO A 227 23.89 -6.42 -2.88
CA PRO A 227 23.50 -7.66 -3.54
C PRO A 227 23.02 -8.76 -2.62
N ILE A 228 22.17 -9.63 -3.16
CA ILE A 228 21.76 -10.87 -2.51
C ILE A 228 21.89 -12.00 -3.53
N PRO A 229 22.00 -13.25 -3.07
CA PRO A 229 22.15 -14.35 -4.03
C PRO A 229 21.04 -14.45 -5.07
N LEU A 230 19.82 -14.03 -4.73
CA LEU A 230 18.70 -14.11 -5.67
C LEU A 230 18.92 -13.26 -6.92
N ASP A 231 19.70 -12.18 -6.82
CA ASP A 231 19.90 -11.29 -7.96
C ASP A 231 20.38 -12.04 -9.20
N ARG A 232 21.27 -13.02 -9.02
CA ARG A 232 21.85 -13.71 -10.16
C ARG A 232 20.79 -14.32 -11.07
N GLU A 233 19.72 -14.86 -10.49
CA GLU A 233 18.66 -15.45 -11.29
C GLU A 233 17.96 -14.43 -12.18
N TRP A 234 18.01 -13.16 -11.82
CA TRP A 234 17.35 -12.10 -12.58
C TRP A 234 18.33 -11.33 -13.44
N GLY A 235 19.57 -11.82 -13.58
CA GLY A 235 20.56 -11.14 -14.39
C GLY A 235 21.07 -9.84 -13.80
N ILE A 236 21.01 -9.71 -12.48
CA ILE A 236 21.44 -8.52 -11.76
C ILE A 236 22.76 -8.83 -11.09
N ASP A 237 23.75 -7.95 -11.23
CA ASP A 237 24.99 -8.19 -10.50
C ASP A 237 25.60 -6.88 -9.98
N LYS A 238 24.78 -5.91 -9.64
CA LYS A 238 25.20 -4.65 -9.06
C LYS A 238 24.53 -4.48 -7.70
N PRO A 239 25.10 -3.67 -6.81
CA PRO A 239 24.41 -3.39 -5.55
C PRO A 239 23.11 -2.65 -5.82
N TRP A 240 22.22 -2.68 -4.83
CA TRP A 240 20.94 -2.01 -4.97
C TRP A 240 20.33 -1.76 -3.60
N ILE A 241 19.40 -0.79 -3.55
CA ILE A 241 18.55 -0.55 -2.39
C ILE A 241 17.12 -0.38 -2.89
N GLY A 242 16.15 -0.72 -2.04
CA GLY A 242 14.77 -0.56 -2.45
C GLY A 242 13.84 -0.86 -1.30
N ALA A 243 12.55 -0.58 -1.54
CA ALA A 243 11.54 -0.80 -0.50
C ALA A 243 10.18 -0.88 -1.16
N GLY A 244 9.23 -1.51 -0.47
CA GLY A 244 7.85 -1.56 -0.91
C GLY A 244 6.91 -1.12 0.19
N PHE A 245 5.94 -0.26 -0.14
CA PHE A 245 4.99 0.33 0.80
C PHE A 245 3.56 0.02 0.36
N GLY A 246 2.70 -0.34 1.30
CA GLY A 246 1.28 -0.45 0.96
C GLY A 246 0.54 0.89 1.03
N LEU A 247 -0.07 1.33 -0.08
CA LEU A 247 -0.74 2.64 -0.06
C LEU A 247 -1.94 2.63 0.89
N GLU A 248 -2.71 1.55 0.91
CA GLU A 248 -3.87 1.55 1.80
C GLU A 248 -3.43 1.61 3.27
N ARG A 249 -2.28 1.00 3.61
CA ARG A 249 -1.81 1.15 4.99
C ARG A 249 -1.38 2.58 5.28
N LEU A 250 -0.76 3.28 4.32
CA LEU A 250 -0.45 4.69 4.54
C LEU A 250 -1.72 5.49 4.78
N LEU A 251 -2.77 5.24 3.98
CA LEU A 251 -4.03 5.95 4.18
C LEU A 251 -4.66 5.61 5.52
N LYS A 252 -4.63 4.33 5.90
CA LYS A 252 -5.19 3.93 7.20
C LYS A 252 -4.56 4.71 8.34
N VAL A 253 -3.23 4.87 8.32
CA VAL A 253 -2.54 5.61 9.37
C VAL A 253 -2.84 7.10 9.27
N LYS A 254 -2.76 7.67 8.07
CA LYS A 254 -2.93 9.10 7.91
C LYS A 254 -4.33 9.55 8.33
N HIS A 255 -5.34 8.76 8.01
CA HIS A 255 -6.71 9.11 8.30
C HIS A 255 -7.27 8.43 9.55
N ASP A 256 -6.44 7.66 10.25
CA ASP A 256 -6.84 7.01 11.51
C ASP A 256 -8.06 6.10 11.33
N PHE A 257 -8.11 5.37 10.21
CA PHE A 257 -9.15 4.37 10.00
C PHE A 257 -8.94 3.18 10.92
N LYS A 258 -10.03 2.65 11.48
CA LYS A 258 -9.90 1.46 12.33
C LYS A 258 -9.67 0.20 11.53
N ASN A 259 -10.13 0.15 10.29
CA ASN A 259 -9.99 -1.04 9.46
C ASN A 259 -9.54 -0.61 8.07
N ILE A 260 -8.58 -1.34 7.51
CA ILE A 260 -8.02 -0.97 6.22
C ILE A 260 -9.06 -1.04 5.10
N LYS A 261 -10.20 -1.73 5.32
CA LYS A 261 -11.27 -1.71 4.32
C LYS A 261 -11.72 -0.29 3.96
N ARG A 262 -11.56 0.66 4.88
CA ARG A 262 -11.94 2.05 4.60
C ARG A 262 -11.07 2.70 3.54
N ALA A 263 -9.86 2.19 3.31
CA ALA A 263 -8.93 2.80 2.37
C ALA A 263 -8.86 2.06 1.04
N ALA A 264 -9.57 0.94 0.91
CA ALA A 264 -9.42 0.08 -0.26
C ALA A 264 -10.22 0.59 -1.45
N ARG A 265 -9.82 0.15 -2.65
CA ARG A 265 -10.75 0.08 -3.77
C ARG A 265 -11.99 -0.65 -3.31
N SER A 266 -13.15 -0.04 -3.54
CA SER A 266 -14.28 -0.58 -2.81
C SER A 266 -15.57 -0.01 -3.38
N GLU A 267 -16.64 -0.78 -3.27
CA GLU A 267 -17.98 -0.27 -3.50
C GLU A 267 -18.66 0.14 -2.20
N SER A 268 -18.05 -0.14 -1.05
CA SER A 268 -18.64 0.09 0.26
C SER A 268 -18.18 1.37 0.94
N TYR A 269 -17.06 1.96 0.50
CA TYR A 269 -16.51 3.16 1.13
C TYR A 269 -15.92 4.06 0.06
N TYR A 270 -16.16 5.36 0.19
CA TYR A 270 -15.55 6.37 -0.66
C TYR A 270 -14.77 7.34 0.22
N ASN A 271 -13.44 7.36 0.05
CA ASN A 271 -12.59 8.17 0.93
C ASN A 271 -12.90 7.92 2.40
N GLY A 272 -13.14 6.67 2.74
CA GLY A 272 -13.42 6.31 4.12
C GLY A 272 -14.84 6.57 4.58
N ILE A 273 -15.73 7.00 3.69
CA ILE A 273 -17.13 7.29 4.03
C ILE A 273 -18.00 6.15 3.51
N SER A 274 -18.85 5.61 4.38
CA SER A 274 -19.74 4.55 3.94
C SER A 274 -20.59 5.00 2.76
N THR A 275 -20.69 4.15 1.75
CA THR A 275 -21.56 4.44 0.61
C THR A 275 -22.96 3.85 0.77
N ASN A 276 -23.26 3.21 1.91
CA ASN A 276 -24.54 2.58 2.14
C ASN A 276 -25.36 3.46 3.08
N LEU A 277 -25.98 4.48 2.51
CA LEU A 277 -26.60 5.53 3.30
C LEU A 277 -28.12 5.52 3.14
#